data_6P7H
#
_entry.id   6P7H
#
_cell.length_a   59.164
_cell.length_b   62.219
_cell.length_c   136.130
_cell.angle_alpha   90.00
_cell.angle_beta   90.00
_cell.angle_gamma   90.00
#
_symmetry.space_group_name_H-M   'P 21 21 21'
#
loop_
_entity.id
_entity.type
_entity.pdbx_description
1 polymer 'Antibody DF2F-b.04  light chain'
2 polymer 'Antibody DF2F-b.04  heavy chain'
3 polymer 'HIV fusion peptide residues (512-519)'
4 water water
#
loop_
_entity_poly.entity_id
_entity_poly.type
_entity_poly.pdbx_seq_one_letter_code
_entity_poly.pdbx_strand_id
1 'polypeptide(L)'
;DIVMTQTPLSLSVTPGEPASISCRSSQSLLHSNGHTYLHWYLQKPGHSPQLLIYEVSNRASGVPDRFSGSGSGTDFTLKI
SRVEAEDVGVYYCEQTLQTPLTFGGGTRVQIKRTVAAPSVFIFPPSEDQVKSGTVSVVCLLNNFYPREASVKWKVDGVLK
TGNSQESVTEQDSKDNTYSLSSTLTLSNTDYQSHNVYACEVTHQGLSSPVTKSFNRGEC
;
B
2 'polypeptide(L)'
;QVQLQESGPGVVKPSETLSLTCAVSGGTISSGSYYWSWIRQPPGKGLEWIGGIYINNKSINYNPSLRGRVTISIDTSKNQ
FSLKLSAVTAADTAVYYCRRDPISSTIEEFDYWGQGVLVTVSSASTKGPSVFPLAPSSRSTSESTAALGCLVKDYFPEPV
TVSWNSGSLTSGVHTFPAVLQSSGLYSLSSVVTVPSSSLGTQTYVCNVNHKPSNTKVDKRVEIKTC
;
A
3 'polypeptide(L)' AVGIGAVF C
#
# COMPACT_ATOMS: atom_id res chain seq x y z
N ILE A 2 -6.44 -25.73 -3.89
CA ILE A 2 -6.92 -25.40 -2.54
C ILE A 2 -6.88 -23.88 -2.33
N VAL A 3 -8.00 -23.33 -1.86
CA VAL A 3 -8.23 -21.89 -1.88
C VAL A 3 -9.03 -21.50 -0.64
N MET A 4 -8.81 -20.27 -0.16
CA MET A 4 -9.58 -19.70 0.94
C MET A 4 -10.34 -18.47 0.46
N THR A 5 -11.60 -18.39 0.86
CA THR A 5 -12.56 -17.42 0.34
C THR A 5 -12.89 -16.41 1.43
N GLN A 6 -12.66 -15.13 1.16
CA GLN A 6 -13.00 -14.08 2.12
C GLN A 6 -14.08 -13.16 1.54
N LEU A 9 -12.54 -7.33 -0.31
CA LEU A 9 -13.88 -6.79 -0.10
C LEU A 9 -13.88 -5.83 1.11
N SER A 10 -14.88 -4.95 1.17
CA SER A 10 -14.93 -3.90 2.16
C SER A 10 -16.05 -4.15 3.17
N LEU A 11 -15.80 -3.72 4.41
CA LEU A 11 -16.77 -3.75 5.50
C LEU A 11 -16.84 -2.36 6.11
N SER A 12 -18.00 -1.71 5.98
CA SER A 12 -18.22 -0.41 6.59
C SER A 12 -18.84 -0.60 7.97
N VAL A 13 -18.16 -0.11 9.00
CA VAL A 13 -18.52 -0.40 10.38
C VAL A 13 -18.67 0.91 11.14
N THR A 14 -19.79 1.07 11.83
CA THR A 14 -19.95 2.19 12.75
C THR A 14 -19.02 2.00 13.94
N PRO A 15 -18.31 3.04 14.37
CA PRO A 15 -17.38 2.89 15.50
C PRO A 15 -18.10 2.44 16.76
N GLY A 16 -17.43 1.59 17.54
CA GLY A 16 -17.98 1.03 18.75
C GLY A 16 -18.82 -0.21 18.55
N GLU A 17 -19.26 -0.49 17.33
CA GLU A 17 -20.08 -1.64 16.98
C GLU A 17 -19.20 -2.83 16.63
N PRO A 18 -19.75 -4.05 16.68
CA PRO A 18 -18.94 -5.23 16.36
C PRO A 18 -18.82 -5.47 14.86
N ALA A 19 -17.75 -6.18 14.50
CA ALA A 19 -17.48 -6.58 13.13
C ALA A 19 -17.16 -8.07 13.11
N SER A 20 -17.65 -8.75 12.07
CA SER A 20 -17.34 -10.15 11.85
C SER A 20 -16.82 -10.31 10.43
N ILE A 21 -15.67 -10.96 10.29
CA ILE A 21 -15.04 -11.22 9.01
C ILE A 21 -15.00 -12.73 8.78
N SER A 22 -15.47 -13.17 7.61
CA SER A 22 -15.66 -14.57 7.32
C SER A 22 -14.56 -15.11 6.42
N CYS A 23 -14.17 -16.36 6.65
CA CYS A 23 -13.21 -17.08 5.83
C CYS A 23 -13.73 -18.49 5.59
N ARG A 24 -13.74 -18.91 4.33
CA ARG A 24 -14.16 -20.25 3.95
C ARG A 24 -13.04 -20.94 3.18
N SER A 25 -12.80 -22.20 3.51
CA SER A 25 -11.73 -22.98 2.89
C SER A 25 -12.30 -24.07 2.00
N SER A 26 -11.59 -24.33 0.90
CA SER A 26 -12.01 -25.38 -0.03
C SER A 26 -11.85 -26.76 0.58
N GLN A 27 -10.94 -26.92 1.54
CA GLN A 27 -10.67 -28.17 2.19
C GLN A 27 -10.75 -27.99 3.70
N SER A 28 -11.02 -29.08 4.40
CA SER A 28 -10.97 -29.04 5.85
C SER A 28 -9.55 -28.73 6.30
N LEU A 29 -9.43 -27.81 7.27
CA LEU A 29 -8.15 -27.40 7.82
C LEU A 29 -7.80 -28.14 9.10
N LEU A 30 -8.47 -29.26 9.37
CA LEU A 30 -8.23 -30.07 10.55
C LEU A 30 -7.14 -31.08 10.23
N HIS A 31 -6.05 -31.04 11.01
CA HIS A 31 -4.91 -31.93 10.85
C HIS A 31 -5.15 -33.23 11.61
N SER A 32 -4.53 -34.31 11.14
CA SER A 32 -4.64 -35.57 11.86
C SER A 32 -4.11 -35.48 13.28
N ASN A 33 -3.27 -34.48 13.57
CA ASN A 33 -2.81 -34.24 14.94
C ASN A 33 -3.85 -33.51 15.78
N GLY A 34 -5.04 -33.23 15.24
CA GLY A 34 -6.10 -32.60 15.97
C GLY A 34 -6.12 -31.08 15.91
N HIS A 35 -5.03 -30.45 15.49
CA HIS A 35 -4.98 -29.00 15.41
C HIS A 35 -5.63 -28.52 14.12
N THR A 36 -6.15 -27.29 14.15
CA THR A 36 -6.71 -26.64 12.98
C THR A 36 -5.89 -25.40 12.67
N TYR A 37 -5.27 -25.40 11.50
CA TYR A 37 -4.22 -24.43 11.19
C TYR A 37 -4.79 -23.32 10.32
N LEU A 38 -5.58 -22.46 10.97
CA LEU A 38 -6.12 -21.26 10.38
C LEU A 38 -5.78 -20.07 11.26
N HIS A 39 -5.28 -18.99 10.65
CA HIS A 39 -4.82 -17.82 11.38
C HIS A 39 -5.36 -16.55 10.73
N TRP A 40 -5.38 -15.47 11.51
CA TRP A 40 -5.87 -14.17 11.07
C TRP A 40 -4.80 -13.11 11.26
N TYR A 41 -4.59 -12.29 10.22
CA TYR A 41 -3.69 -11.15 10.27
C TYR A 41 -4.45 -9.86 10.03
N LEU A 42 -3.94 -8.76 10.58
CA LEU A 42 -4.36 -7.42 10.22
C LEU A 42 -3.16 -6.67 9.65
N GLN A 43 -3.35 -6.04 8.49
CA GLN A 43 -2.33 -5.19 7.90
C GLN A 43 -2.86 -3.76 7.89
N LYS A 44 -2.31 -2.93 8.75
CA LYS A 44 -2.63 -1.52 8.73
C LYS A 44 -1.89 -0.85 7.57
N PRO A 45 -2.42 0.25 7.03
CA PRO A 45 -1.79 0.87 5.86
C PRO A 45 -0.35 1.28 6.16
N GLY A 46 0.55 0.89 5.25
CA GLY A 46 1.96 1.22 5.39
C GLY A 46 2.73 0.35 6.36
N HIS A 47 2.17 -0.77 6.81
CA HIS A 47 2.81 -1.63 7.77
C HIS A 47 2.87 -3.05 7.26
N SER A 48 3.78 -3.84 7.84
CA SER A 48 3.77 -5.27 7.60
C SER A 48 2.61 -5.91 8.34
N PRO A 49 2.12 -7.06 7.87
CA PRO A 49 0.98 -7.70 8.55
C PRO A 49 1.34 -8.08 9.99
N GLN A 50 0.33 -8.07 10.85
CA GLN A 50 0.48 -8.45 12.25
C GLN A 50 -0.46 -9.62 12.57
N LEU A 51 0.09 -10.67 13.16
CA LEU A 51 -0.72 -11.82 13.55
C LEU A 51 -1.66 -11.42 14.68
N LEU A 52 -2.95 -11.75 14.52
CA LEU A 52 -3.96 -11.55 15.56
C LEU A 52 -4.37 -12.85 16.23
N ILE A 53 -4.79 -13.83 15.44
CA ILE A 53 -5.33 -15.08 15.94
C ILE A 53 -4.59 -16.23 15.25
N TYR A 54 -4.10 -17.18 16.04
CA TYR A 54 -3.52 -18.39 15.48
C TYR A 54 -4.35 -19.60 15.90
N GLU A 55 -4.37 -20.60 15.02
CA GLU A 55 -5.11 -21.84 15.23
C GLU A 55 -6.55 -21.55 15.67
N VAL A 56 -7.28 -20.88 14.78
CA VAL A 56 -8.71 -20.61 14.89
C VAL A 56 -9.05 -19.59 15.98
N SER A 57 -8.61 -19.83 17.22
CA SER A 57 -9.19 -19.13 18.35
C SER A 57 -8.20 -18.53 19.34
N ASN A 58 -6.90 -18.64 19.12
CA ASN A 58 -5.91 -18.19 20.10
C ASN A 58 -5.34 -16.84 19.70
N ARG A 59 -5.37 -15.88 20.62
CA ARG A 59 -4.73 -14.60 20.38
C ARG A 59 -3.20 -14.74 20.49
N ALA A 60 -2.49 -14.09 19.59
CA ALA A 60 -1.04 -14.03 19.70
C ALA A 60 -0.65 -13.08 20.84
N SER A 61 0.63 -13.13 21.20
CA SER A 61 1.14 -12.32 22.30
C SER A 61 0.84 -10.85 22.08
N GLY A 62 0.26 -10.20 23.10
CA GLY A 62 0.02 -8.77 23.08
C GLY A 62 -1.21 -8.33 22.32
N VAL A 63 -1.95 -9.25 21.72
CA VAL A 63 -3.14 -8.90 20.94
C VAL A 63 -4.29 -8.61 21.90
N PRO A 64 -4.90 -7.42 21.83
CA PRO A 64 -5.97 -7.08 22.78
C PRO A 64 -7.16 -8.03 22.65
N ASP A 65 -7.94 -8.09 23.74
CA ASP A 65 -9.00 -9.09 23.85
C ASP A 65 -10.25 -8.76 23.03
N ARG A 66 -10.30 -7.60 22.37
CA ARG A 66 -11.44 -7.32 21.51
C ARG A 66 -11.43 -8.15 20.23
N PHE A 67 -10.35 -8.89 19.97
CA PHE A 67 -10.28 -9.81 18.84
C PHE A 67 -10.53 -11.24 19.32
N SER A 68 -11.32 -11.99 18.56
CA SER A 68 -11.59 -13.38 18.87
C SER A 68 -11.85 -14.14 17.58
N GLY A 69 -11.65 -15.45 17.64
CA GLY A 69 -11.81 -16.28 16.46
C GLY A 69 -12.60 -17.54 16.78
N SER A 70 -13.29 -18.03 15.75
CA SER A 70 -14.10 -19.23 15.87
C SER A 70 -14.18 -19.90 14.51
N GLY A 71 -14.49 -21.18 14.50
CA GLY A 71 -14.69 -21.85 13.24
C GLY A 71 -14.51 -23.35 13.35
N SER A 72 -14.58 -23.99 12.19
CA SER A 72 -14.65 -25.44 12.10
C SER A 72 -14.42 -25.92 10.68
N GLY A 73 -13.47 -26.84 10.50
CA GLY A 73 -13.26 -27.50 9.23
C GLY A 73 -13.04 -26.58 8.05
N THR A 74 -14.12 -26.05 7.48
CA THR A 74 -14.04 -25.19 6.31
C THR A 74 -14.58 -23.78 6.52
N ASP A 75 -15.12 -23.47 7.69
CA ASP A 75 -15.80 -22.19 7.91
C ASP A 75 -15.26 -21.53 9.17
N PHE A 76 -14.86 -20.26 9.05
CA PHE A 76 -14.18 -19.56 10.14
C PHE A 76 -14.62 -18.11 10.18
N THR A 77 -14.53 -17.52 11.37
CA THR A 77 -15.00 -16.17 11.60
C THR A 77 -14.08 -15.45 12.57
N LEU A 78 -13.60 -14.28 12.16
CA LEU A 78 -12.88 -13.36 13.04
C LEU A 78 -13.85 -12.29 13.53
N LYS A 79 -13.81 -12.00 14.83
CA LYS A 79 -14.73 -11.05 15.45
C LYS A 79 -13.93 -9.95 16.14
N ILE A 80 -14.29 -8.70 15.85
CA ILE A 80 -13.82 -7.54 16.60
C ILE A 80 -15.00 -7.02 17.40
N SER A 81 -14.85 -7.00 18.73
CA SER A 81 -15.99 -6.71 19.60
C SER A 81 -16.44 -5.26 19.45
N ARG A 82 -15.51 -4.31 19.54
CA ARG A 82 -15.83 -2.90 19.40
C ARG A 82 -14.79 -2.25 18.49
N VAL A 83 -15.18 -1.94 17.26
CA VAL A 83 -14.25 -1.46 16.24
C VAL A 83 -13.90 0.00 16.52
N GLU A 84 -12.61 0.32 16.44
CA GLU A 84 -12.16 1.70 16.54
C GLU A 84 -11.25 2.03 15.35
N ALA A 85 -10.64 3.23 15.36
CA ALA A 85 -9.84 3.66 14.22
C ALA A 85 -8.59 2.81 14.04
N GLU A 86 -8.01 2.31 15.14
CA GLU A 86 -6.80 1.51 15.00
C GLU A 86 -7.04 0.14 14.40
N ASP A 87 -8.30 -0.25 14.20
CA ASP A 87 -8.62 -1.54 13.60
C ASP A 87 -8.80 -1.45 12.09
N VAL A 88 -8.66 -0.26 11.51
CA VAL A 88 -8.85 -0.09 10.07
C VAL A 88 -7.66 -0.65 9.32
N GLY A 89 -7.93 -1.39 8.26
CA GLY A 89 -6.90 -2.06 7.49
C GLY A 89 -7.50 -3.25 6.76
N VAL A 90 -6.63 -4.13 6.31
CA VAL A 90 -7.04 -5.34 5.59
C VAL A 90 -6.77 -6.54 6.47
N TYR A 91 -7.77 -7.41 6.60
CA TYR A 91 -7.69 -8.62 7.40
C TYR A 91 -7.56 -9.82 6.49
N TYR A 92 -6.53 -10.64 6.75
CA TYR A 92 -6.22 -11.80 5.93
C TYR A 92 -6.32 -13.06 6.78
N CYS A 93 -6.96 -14.09 6.25
CA CYS A 93 -6.84 -15.42 6.82
C CYS A 93 -5.77 -16.19 6.04
N GLU A 94 -5.20 -17.19 6.71
CA GLU A 94 -4.10 -17.98 6.18
C GLU A 94 -4.22 -19.39 6.74
N GLN A 95 -3.94 -20.39 5.92
CA GLN A 95 -3.88 -21.76 6.38
C GLN A 95 -2.44 -22.26 6.33
N THR A 96 -2.03 -23.01 7.35
CA THR A 96 -0.74 -23.67 7.38
C THR A 96 -0.88 -25.18 7.60
N LEU A 97 -2.05 -25.73 7.27
CA LEU A 97 -2.26 -27.18 7.36
C LEU A 97 -1.27 -27.95 6.50
N GLN A 98 -1.01 -27.45 5.29
CA GLN A 98 -0.18 -28.17 4.34
C GLN A 98 0.48 -27.15 3.41
N THR A 99 1.56 -27.56 2.80
CA THR A 99 2.05 -26.73 1.71
C THR A 99 1.26 -27.04 0.44
N PRO A 100 1.03 -26.03 -0.42
CA PRO A 100 1.47 -24.64 -0.22
C PRO A 100 0.65 -23.90 0.84
N LEU A 101 1.32 -23.07 1.63
CA LEU A 101 0.61 -22.15 2.50
C LEU A 101 -0.15 -21.16 1.63
N THR A 102 -1.34 -20.75 2.07
CA THR A 102 -2.19 -19.92 1.24
C THR A 102 -2.89 -18.87 2.09
N PHE A 103 -3.12 -17.71 1.48
CA PHE A 103 -3.82 -16.59 2.08
C PHE A 103 -5.19 -16.42 1.44
N GLY A 104 -6.14 -15.92 2.21
CA GLY A 104 -7.36 -15.41 1.65
C GLY A 104 -7.12 -14.08 0.97
N GLY A 105 -8.11 -13.63 0.21
CA GLY A 105 -7.96 -12.41 -0.58
C GLY A 105 -7.94 -11.13 0.23
N GLY A 106 -8.32 -11.19 1.49
CA GLY A 106 -8.33 -10.00 2.31
C GLY A 106 -9.72 -9.39 2.41
N THR A 107 -9.99 -8.80 3.57
CA THR A 107 -11.22 -8.06 3.82
C THR A 107 -10.85 -6.72 4.41
N ARG A 108 -11.20 -5.64 3.72
CA ARG A 108 -10.88 -4.30 4.20
C ARG A 108 -11.98 -3.83 5.13
N VAL A 109 -11.58 -3.30 6.29
CA VAL A 109 -12.49 -2.71 7.25
C VAL A 109 -12.33 -1.20 7.16
N GLN A 110 -13.42 -0.50 6.93
CA GLN A 110 -13.43 0.96 6.89
C GLN A 110 -14.48 1.46 7.86
N ILE A 111 -14.22 2.62 8.45
CA ILE A 111 -15.17 3.21 9.39
C ILE A 111 -16.26 3.92 8.59
N LYS A 112 -17.51 3.56 8.87
CA LYS A 112 -18.65 4.21 8.24
C LYS A 112 -18.98 5.51 8.98
N ARG A 113 -19.25 6.56 8.21
CA ARG A 113 -19.56 7.87 8.77
C ARG A 113 -20.62 8.53 7.89
N THR A 114 -21.05 9.71 8.31
CA THR A 114 -22.03 10.42 7.50
C THR A 114 -21.38 10.98 6.25
N VAL A 115 -22.22 11.27 5.25
CA VAL A 115 -21.73 11.83 4.01
C VAL A 115 -21.06 13.17 4.26
N ALA A 116 -19.93 13.39 3.60
CA ALA A 116 -19.22 14.66 3.66
C ALA A 116 -18.79 15.02 2.25
N ALA A 117 -19.11 16.26 1.84
CA ALA A 117 -18.82 16.67 0.48
C ALA A 117 -17.37 17.15 0.36
N PRO A 118 -16.74 16.96 -0.80
CA PRO A 118 -15.36 17.40 -0.97
C PRO A 118 -15.23 18.90 -1.15
N SER A 119 -14.12 19.43 -0.64
CA SER A 119 -13.64 20.74 -1.05
C SER A 119 -12.74 20.55 -2.27
N VAL A 120 -12.96 21.36 -3.30
CA VAL A 120 -12.39 21.12 -4.62
C VAL A 120 -11.46 22.27 -4.97
N PHE A 121 -10.27 21.93 -5.47
CA PHE A 121 -9.26 22.91 -5.87
C PHE A 121 -8.65 22.49 -7.20
N ILE A 122 -8.41 23.45 -8.09
CA ILE A 122 -7.72 23.19 -9.35
C ILE A 122 -6.40 23.96 -9.33
N PHE A 123 -5.37 23.35 -9.91
CA PHE A 123 -4.03 23.91 -9.92
C PHE A 123 -3.54 23.99 -11.37
N PRO A 124 -3.18 25.16 -11.87
CA PRO A 124 -2.61 25.26 -13.21
C PRO A 124 -1.20 24.70 -13.24
N PRO A 125 -0.67 24.40 -14.42
CA PRO A 125 0.74 24.02 -14.49
C PRO A 125 1.64 25.19 -14.09
N SER A 126 2.75 24.86 -13.44
CA SER A 126 3.71 25.88 -13.05
C SER A 126 4.50 26.35 -14.26
N GLU A 127 5.04 27.57 -14.17
CA GLU A 127 5.88 28.08 -15.24
C GLU A 127 7.20 27.33 -15.31
N ASP A 128 7.65 26.78 -14.18
CA ASP A 128 8.82 25.89 -14.19
C ASP A 128 8.59 24.71 -15.13
N GLN A 129 7.43 24.05 -15.00
CA GLN A 129 7.19 22.84 -15.77
C GLN A 129 6.97 23.12 -17.24
N VAL A 130 6.27 24.22 -17.58
CA VAL A 130 5.98 24.48 -18.99
C VAL A 130 7.27 24.69 -19.78
N LYS A 131 8.32 25.18 -19.11
CA LYS A 131 9.60 25.38 -19.77
C LYS A 131 10.14 24.08 -20.38
N SER A 132 9.88 22.94 -19.75
CA SER A 132 10.39 21.66 -20.20
C SER A 132 9.43 20.90 -21.11
N GLY A 133 8.38 21.56 -21.60
CA GLY A 133 7.55 21.02 -22.67
C GLY A 133 6.33 20.23 -22.25
N THR A 134 6.03 20.14 -20.96
CA THR A 134 4.88 19.38 -20.49
C THR A 134 4.07 20.24 -19.52
N VAL A 135 2.76 20.01 -19.49
CA VAL A 135 1.86 20.68 -18.57
C VAL A 135 1.07 19.63 -17.80
N SER A 136 1.06 19.76 -16.48
CA SER A 136 0.23 18.92 -15.62
C SER A 136 -0.77 19.82 -14.91
N VAL A 137 -2.05 19.56 -15.12
CA VAL A 137 -3.13 20.25 -14.43
C VAL A 137 -3.68 19.31 -13.37
N VAL A 138 -3.79 19.80 -12.13
CA VAL A 138 -4.12 18.96 -10.99
C VAL A 138 -5.43 19.43 -10.38
N CYS A 139 -6.32 18.49 -10.11
CA CYS A 139 -7.57 18.73 -9.40
C CYS A 139 -7.56 17.97 -8.09
N LEU A 140 -7.84 18.66 -6.99
CA LEU A 140 -7.82 18.07 -5.65
C LEU A 140 -9.23 18.02 -5.07
N LEU A 141 -9.63 16.85 -4.57
CA LEU A 141 -10.88 16.65 -3.85
C LEU A 141 -10.52 16.27 -2.42
N ASN A 142 -10.91 17.11 -1.46
CA ASN A 142 -10.39 17.01 -0.10
C ASN A 142 -11.46 16.58 0.89
N ASN A 143 -11.17 15.50 1.63
CA ASN A 143 -11.88 15.10 2.84
C ASN A 143 -13.37 14.85 2.57
N PHE A 144 -13.65 13.82 1.79
CA PHE A 144 -15.02 13.49 1.42
C PHE A 144 -15.35 12.05 1.79
N TYR A 145 -16.66 11.78 1.83
CA TYR A 145 -17.22 10.46 2.11
C TYR A 145 -18.62 10.36 1.52
N PRO A 146 -18.98 9.26 0.85
CA PRO A 146 -18.20 8.03 0.64
C PRO A 146 -17.10 8.15 -0.41
N ARG A 147 -16.42 7.03 -0.67
CA ARG A 147 -15.24 7.05 -1.53
C ARG A 147 -15.60 7.27 -3.00
N GLU A 148 -16.80 6.87 -3.41
CA GLU A 148 -17.20 7.04 -4.82
C GLU A 148 -17.23 8.51 -5.18
N ALA A 149 -16.40 8.89 -6.15
CA ALA A 149 -16.40 10.25 -6.66
C ALA A 149 -16.03 10.19 -8.13
N SER A 150 -16.55 11.14 -8.89
CA SER A 150 -16.31 11.20 -10.33
C SER A 150 -15.71 12.55 -10.68
N VAL A 151 -14.54 12.52 -11.33
CA VAL A 151 -13.85 13.72 -11.80
C VAL A 151 -13.91 13.72 -13.31
N LYS A 152 -14.42 14.81 -13.89
CA LYS A 152 -14.45 14.98 -15.33
C LYS A 152 -13.66 16.22 -15.71
N TRP A 153 -12.63 16.03 -16.52
CA TRP A 153 -11.86 17.15 -17.05
C TRP A 153 -12.54 17.69 -18.31
N LYS A 154 -12.55 19.02 -18.43
CA LYS A 154 -13.08 19.67 -19.61
C LYS A 154 -12.08 20.72 -20.08
N VAL A 155 -11.75 20.68 -21.37
CA VAL A 155 -10.82 21.63 -21.98
C VAL A 155 -11.61 22.44 -23.00
N ASP A 156 -11.77 23.74 -22.74
CA ASP A 156 -12.65 24.61 -23.52
C ASP A 156 -14.03 23.98 -23.67
N GLY A 157 -14.58 23.52 -22.53
CA GLY A 157 -15.89 22.89 -22.50
C GLY A 157 -15.96 21.51 -23.09
N VAL A 158 -14.88 21.00 -23.69
CA VAL A 158 -14.90 19.68 -24.33
C VAL A 158 -14.44 18.63 -23.34
N LEU A 159 -15.16 17.52 -23.27
CA LEU A 159 -14.81 16.43 -22.37
C LEU A 159 -13.49 15.77 -22.79
N LYS A 160 -12.72 15.35 -21.80
CA LYS A 160 -11.43 14.70 -22.04
C LYS A 160 -11.49 13.25 -21.58
N THR A 161 -10.74 12.41 -22.28
CA THR A 161 -10.69 10.98 -21.99
C THR A 161 -9.28 10.47 -22.28
N GLY A 162 -8.86 9.48 -21.49
CA GLY A 162 -7.59 8.81 -21.70
C GLY A 162 -6.35 9.63 -21.39
N ASN A 163 -6.50 10.84 -20.85
CA ASN A 163 -5.37 11.75 -20.66
C ASN A 163 -5.20 12.15 -19.20
N SER A 164 -5.81 11.41 -18.27
CA SER A 164 -5.73 11.74 -16.87
C SER A 164 -5.45 10.48 -16.06
N GLN A 165 -4.89 10.69 -14.88
CA GLN A 165 -4.69 9.62 -13.90
C GLN A 165 -5.06 10.17 -12.53
N GLU A 166 -5.53 9.29 -11.66
CA GLU A 166 -5.97 9.73 -10.34
C GLU A 166 -5.55 8.70 -9.30
N SER A 167 -5.50 9.14 -8.06
CA SER A 167 -5.31 8.22 -6.95
C SER A 167 -6.02 8.78 -5.72
N VAL A 168 -6.29 7.89 -4.77
CA VAL A 168 -7.08 8.20 -3.59
C VAL A 168 -6.27 7.79 -2.36
N THR A 169 -6.33 8.60 -1.30
CA THR A 169 -5.68 8.26 -0.05
C THR A 169 -6.44 7.15 0.68
N GLU A 170 -5.76 6.53 1.64
CA GLU A 170 -6.43 5.67 2.59
C GLU A 170 -7.32 6.49 3.51
N GLN A 171 -8.30 5.83 4.13
CA GLN A 171 -9.25 6.51 5.00
C GLN A 171 -8.53 7.27 6.11
N ASP A 172 -8.94 8.52 6.32
CA ASP A 172 -8.28 9.35 7.32
C ASP A 172 -8.62 8.84 8.71
N SER A 173 -7.66 8.96 9.62
CA SER A 173 -7.82 8.31 10.92
C SER A 173 -8.77 9.09 11.82
N LYS A 174 -8.78 10.42 11.71
CA LYS A 174 -9.56 11.25 12.61
C LYS A 174 -10.97 11.56 12.11
N ASP A 175 -11.14 11.83 10.82
CA ASP A 175 -12.46 12.15 10.27
C ASP A 175 -13.02 11.05 9.38
N ASN A 176 -12.25 9.99 9.11
CA ASN A 176 -12.70 8.83 8.34
C ASN A 176 -13.15 9.21 6.93
N THR A 177 -12.54 10.24 6.36
CA THR A 177 -12.82 10.67 5.00
C THR A 177 -11.72 10.20 4.06
N TYR A 178 -11.95 10.46 2.78
CA TYR A 178 -10.99 10.17 1.71
C TYR A 178 -10.63 11.46 0.99
N SER A 179 -9.51 11.44 0.29
CA SER A 179 -9.12 12.54 -0.59
C SER A 179 -8.61 11.98 -1.90
N LEU A 180 -8.77 12.78 -2.96
CA LEU A 180 -8.48 12.32 -4.31
C LEU A 180 -7.70 13.39 -5.05
N SER A 181 -6.69 12.96 -5.80
CA SER A 181 -5.90 13.81 -6.67
C SER A 181 -5.98 13.27 -8.10
N SER A 182 -6.30 14.15 -9.05
CA SER A 182 -6.35 13.77 -10.45
C SER A 182 -5.46 14.72 -11.25
N THR A 183 -4.66 14.17 -12.15
CA THR A 183 -3.72 14.95 -12.95
C THR A 183 -4.08 14.78 -14.42
N LEU A 184 -4.31 15.90 -15.10
CA LEU A 184 -4.49 15.94 -16.54
C LEU A 184 -3.15 16.33 -17.17
N THR A 185 -2.66 15.49 -18.09
CA THR A 185 -1.35 15.68 -18.69
C THR A 185 -1.50 15.97 -20.18
N LEU A 186 -0.92 17.08 -20.62
CA LEU A 186 -0.88 17.44 -22.03
C LEU A 186 0.52 17.93 -22.37
N SER A 187 0.82 17.95 -23.67
CA SER A 187 2.04 18.58 -24.13
C SER A 187 1.90 20.10 -24.03
N ASN A 188 3.06 20.77 -23.98
CA ASN A 188 3.06 22.23 -23.96
C ASN A 188 2.27 22.79 -25.14
N THR A 189 2.47 22.23 -26.33
CA THR A 189 1.79 22.72 -27.52
C THR A 189 0.28 22.60 -27.39
N ASP A 190 -0.21 21.46 -26.91
CA ASP A 190 -1.64 21.27 -26.80
C ASP A 190 -2.24 22.14 -25.70
N TYR A 191 -1.47 22.43 -24.66
CA TYR A 191 -1.97 23.26 -23.57
C TYR A 191 -2.17 24.71 -24.01
N GLN A 192 -1.24 25.23 -24.79
CA GLN A 192 -1.31 26.62 -25.23
C GLN A 192 -2.37 26.84 -26.30
N SER A 193 -2.95 25.78 -26.85
CA SER A 193 -3.98 25.91 -27.87
C SER A 193 -5.37 26.11 -27.29
N HIS A 194 -5.54 25.98 -25.98
CA HIS A 194 -6.85 26.07 -25.35
C HIS A 194 -6.82 27.10 -24.22
N ASN A 195 -8.01 27.48 -23.77
CA ASN A 195 -8.17 28.60 -22.85
C ASN A 195 -8.63 28.17 -21.47
N VAL A 196 -9.83 27.59 -21.36
CA VAL A 196 -10.43 27.30 -20.06
C VAL A 196 -10.20 25.84 -19.71
N TYR A 197 -9.67 25.60 -18.52
CA TYR A 197 -9.45 24.27 -17.98
C TYR A 197 -10.27 24.12 -16.73
N ALA A 198 -11.06 23.06 -16.66
CA ALA A 198 -12.00 22.88 -15.57
C ALA A 198 -12.03 21.42 -15.15
N CYS A 199 -12.16 21.18 -13.85
CA CYS A 199 -12.44 19.85 -13.33
C CYS A 199 -13.81 19.86 -12.67
N GLU A 200 -14.68 18.97 -13.12
CA GLU A 200 -16.07 18.89 -12.67
C GLU A 200 -16.21 17.67 -11.78
N VAL A 201 -16.70 17.89 -10.56
CA VAL A 201 -16.70 16.86 -9.52
C VAL A 201 -18.15 16.52 -9.19
N THR A 202 -18.49 15.23 -9.28
CA THR A 202 -19.78 14.71 -8.88
C THR A 202 -19.62 13.83 -7.65
N HIS A 203 -20.45 14.07 -6.64
CA HIS A 203 -20.35 13.34 -5.37
C HIS A 203 -21.68 13.48 -4.65
N GLN A 204 -22.10 12.41 -3.97
CA GLN A 204 -23.42 12.45 -3.36
C GLN A 204 -23.51 13.40 -2.17
N GLY A 205 -22.39 13.97 -1.72
CA GLY A 205 -22.43 15.03 -0.72
C GLY A 205 -22.77 16.40 -1.26
N LEU A 206 -22.81 16.53 -2.57
CA LEU A 206 -23.17 17.77 -3.24
C LEU A 206 -24.58 17.65 -3.81
N SER A 207 -25.26 18.79 -3.92
CA SER A 207 -26.57 18.80 -4.58
C SER A 207 -26.46 18.93 -6.09
N SER A 208 -25.29 19.32 -6.61
CA SER A 208 -25.07 19.44 -8.04
C SER A 208 -23.57 19.37 -8.29
N PRO A 209 -23.16 18.99 -9.50
CA PRO A 209 -21.71 18.93 -9.79
C PRO A 209 -21.04 20.27 -9.54
N VAL A 210 -19.88 20.22 -8.90
CA VAL A 210 -19.09 21.40 -8.60
C VAL A 210 -17.97 21.48 -9.63
N THR A 211 -17.74 22.67 -10.17
CA THR A 211 -16.73 22.89 -11.19
C THR A 211 -15.77 23.98 -10.72
N LYS A 212 -14.48 23.66 -10.71
CA LYS A 212 -13.43 24.63 -10.50
C LYS A 212 -12.64 24.78 -11.79
N SER A 213 -12.34 26.02 -12.17
CA SER A 213 -11.72 26.26 -13.47
C SER A 213 -10.79 27.45 -13.40
N PHE A 214 -9.93 27.56 -14.41
CA PHE A 214 -9.09 28.74 -14.59
C PHE A 214 -8.95 29.03 -16.08
N ASN A 215 -8.57 30.27 -16.38
CA ASN A 215 -8.28 30.71 -17.74
C ASN A 215 -6.77 30.78 -17.91
N ARG A 216 -6.24 30.08 -18.91
CA ARG A 216 -4.81 30.06 -19.15
C ARG A 216 -4.31 31.48 -19.44
N GLY A 217 -3.46 32.00 -18.55
CA GLY A 217 -2.93 33.34 -18.70
C GLY A 217 -3.74 34.39 -17.95
N GLN B 3 16.35 -10.16 14.19
CA GLN B 3 15.37 -11.19 13.87
C GLN B 3 15.40 -11.50 12.38
N LEU B 4 14.84 -10.59 11.57
CA LEU B 4 14.78 -10.77 10.13
C LEU B 4 14.95 -9.43 9.44
N GLN B 5 15.74 -9.41 8.36
CA GLN B 5 15.88 -8.20 7.56
C GLN B 5 16.15 -8.58 6.12
N GLU B 6 15.28 -8.15 5.22
CA GLU B 6 15.43 -8.44 3.80
C GLU B 6 16.39 -7.48 3.14
N SER B 7 17.07 -7.97 2.11
CA SER B 7 17.97 -7.17 1.28
C SER B 7 17.69 -7.50 -0.18
N GLY B 8 17.63 -6.48 -1.02
CA GLY B 8 17.34 -6.69 -2.42
C GLY B 8 18.11 -5.74 -3.32
N PRO B 9 17.96 -5.93 -4.63
CA PRO B 9 18.68 -5.09 -5.59
C PRO B 9 18.01 -3.76 -5.93
N GLY B 10 16.77 -3.55 -5.51
CA GLY B 10 16.05 -2.34 -5.87
C GLY B 10 15.27 -2.52 -7.17
N VAL B 11 15.98 -2.53 -8.29
CA VAL B 11 15.38 -2.61 -9.61
C VAL B 11 15.98 -3.81 -10.34
N VAL B 12 15.13 -4.56 -11.04
CA VAL B 12 15.54 -5.69 -11.87
C VAL B 12 14.97 -5.48 -13.27
N LYS B 13 15.77 -5.74 -14.29
CA LYS B 13 15.24 -5.57 -15.63
C LYS B 13 14.35 -6.76 -16.00
N PRO B 14 13.30 -6.52 -16.81
CA PRO B 14 12.41 -7.62 -17.18
C PRO B 14 13.16 -8.76 -17.87
N SER B 15 12.77 -9.99 -17.53
CA SER B 15 13.29 -11.27 -17.97
C SER B 15 14.60 -11.65 -17.26
N GLU B 16 15.17 -10.77 -16.44
CA GLU B 16 16.38 -11.09 -15.69
C GLU B 16 15.99 -11.77 -14.37
N THR B 17 16.97 -11.99 -13.50
CA THR B 17 16.77 -12.77 -12.29
C THR B 17 16.83 -11.87 -11.07
N LEU B 18 15.84 -12.03 -10.19
CA LEU B 18 15.77 -11.32 -8.92
C LEU B 18 16.40 -12.18 -7.83
N SER B 19 17.34 -11.60 -7.08
CA SER B 19 17.97 -12.25 -5.94
C SER B 19 17.70 -11.44 -4.67
N LEU B 20 17.22 -12.13 -3.64
CA LEU B 20 16.97 -11.52 -2.34
C LEU B 20 17.64 -12.35 -1.26
N THR B 21 17.99 -11.70 -0.17
CA THR B 21 18.50 -12.40 1.00
C THR B 21 17.79 -11.90 2.25
N CYS B 22 17.61 -12.79 3.22
CA CYS B 22 17.03 -12.46 4.50
C CYS B 22 18.03 -12.81 5.58
N ALA B 23 18.50 -11.80 6.31
CA ALA B 23 19.46 -11.99 7.39
C ALA B 23 18.71 -12.31 8.67
N VAL B 24 19.03 -13.46 9.27
CA VAL B 24 18.39 -13.94 10.49
C VAL B 24 19.29 -13.63 11.67
N SER B 25 18.71 -13.10 12.74
CA SER B 25 19.44 -12.83 13.97
C SER B 25 18.64 -13.32 15.17
N GLY B 26 19.31 -13.43 16.31
CA GLY B 26 18.71 -13.91 17.52
C GLY B 26 18.61 -15.42 17.63
N GLY B 27 19.18 -16.15 16.69
CA GLY B 27 19.08 -17.59 16.66
C GLY B 27 19.45 -18.12 15.30
N THR B 28 19.74 -19.42 15.27
CA THR B 28 20.21 -20.05 14.04
C THR B 28 19.04 -20.39 13.12
N ILE B 29 19.27 -20.22 11.82
CA ILE B 29 18.24 -20.54 10.85
C ILE B 29 18.00 -22.05 10.78
N SER B 30 18.93 -22.86 11.26
CA SER B 30 18.79 -24.31 11.26
C SER B 30 17.87 -24.83 12.37
N SER B 31 17.26 -23.95 13.16
CA SER B 31 16.44 -24.39 14.28
C SER B 31 15.22 -25.15 13.82
N GLY B 32 14.95 -26.28 14.45
CA GLY B 32 13.71 -27.00 14.18
C GLY B 32 12.48 -26.40 14.82
N SER B 33 12.62 -25.25 15.50
CA SER B 33 11.45 -24.60 16.09
C SER B 33 10.66 -23.76 15.12
N TYR B 34 11.20 -23.45 13.94
CA TYR B 34 10.61 -22.44 13.08
C TYR B 34 10.46 -22.92 11.65
N TYR B 35 9.47 -22.34 10.97
CA TYR B 35 9.28 -22.45 9.53
C TYR B 35 9.53 -21.07 8.93
N TRP B 36 10.42 -21.00 7.95
CA TRP B 36 10.84 -19.73 7.35
C TRP B 36 10.23 -19.57 5.96
N SER B 37 9.59 -18.44 5.71
CA SER B 37 8.88 -18.24 4.45
C SER B 37 9.30 -16.96 3.76
N TRP B 38 9.15 -16.96 2.44
CA TRP B 38 9.13 -15.75 1.63
C TRP B 38 7.69 -15.49 1.21
N ILE B 39 7.26 -14.25 1.38
CA ILE B 39 5.90 -13.79 1.05
C ILE B 39 6.06 -12.51 0.28
N ARG B 40 5.14 -12.22 -0.65
CA ARG B 40 5.22 -10.96 -1.38
C ARG B 40 3.86 -10.30 -1.53
N GLN B 41 3.89 -9.01 -1.83
CA GLN B 41 2.67 -8.21 -1.93
C GLN B 41 2.85 -7.15 -3.00
N PRO B 42 2.26 -7.33 -4.19
CA PRO B 42 2.27 -6.26 -5.17
C PRO B 42 1.54 -5.05 -4.63
N PRO B 43 1.92 -3.84 -5.06
CA PRO B 43 1.32 -2.63 -4.48
C PRO B 43 -0.20 -2.62 -4.66
N GLY B 44 -0.90 -2.43 -3.54
CA GLY B 44 -2.35 -2.40 -3.56
C GLY B 44 -3.04 -3.73 -3.70
N LYS B 45 -2.31 -4.84 -3.66
CA LYS B 45 -2.89 -6.16 -3.80
C LYS B 45 -2.73 -6.96 -2.50
N GLY B 46 -3.10 -8.24 -2.56
CA GLY B 46 -3.06 -9.09 -1.38
C GLY B 46 -1.73 -9.81 -1.21
N LEU B 47 -1.66 -10.60 -0.15
CA LEU B 47 -0.45 -11.36 0.17
C LEU B 47 -0.38 -12.66 -0.61
N GLU B 48 0.83 -13.04 -1.01
CA GLU B 48 1.07 -14.29 -1.73
C GLU B 48 2.28 -15.01 -1.13
N TRP B 49 2.08 -16.27 -0.75
CA TRP B 49 3.18 -17.09 -0.26
C TRP B 49 4.05 -17.57 -1.42
N ILE B 50 5.35 -17.38 -1.31
CA ILE B 50 6.27 -17.80 -2.38
C ILE B 50 6.79 -19.21 -2.13
N GLY B 51 7.29 -19.46 -0.92
CA GLY B 51 7.89 -20.73 -0.60
C GLY B 51 8.40 -20.67 0.82
N GLY B 52 8.90 -21.81 1.29
CA GLY B 52 9.36 -21.88 2.67
C GLY B 52 10.28 -23.05 2.88
N ILE B 53 10.91 -23.07 4.05
CA ILE B 53 11.95 -24.04 4.35
C ILE B 53 11.88 -24.43 5.82
N TYR B 54 12.08 -25.73 6.07
CA TYR B 54 12.18 -26.27 7.43
C TYR B 54 13.58 -26.86 7.60
N ILE B 55 14.42 -26.15 8.35
CA ILE B 55 15.74 -26.59 8.81
C ILE B 55 16.83 -26.54 7.73
N ASN B 56 16.61 -27.20 6.59
CA ASN B 56 17.65 -27.23 5.56
C ASN B 56 17.03 -27.41 4.19
N ASN B 57 17.92 -27.52 3.18
CA ASN B 57 17.56 -27.52 1.77
C ASN B 57 16.81 -28.78 1.33
N LYS B 58 16.69 -29.79 2.18
CA LYS B 58 15.94 -30.98 1.81
C LYS B 58 14.44 -30.85 2.10
N SER B 59 14.01 -29.76 2.72
CA SER B 59 12.59 -29.56 3.04
C SER B 59 12.16 -28.16 2.59
N ILE B 60 12.25 -27.91 1.29
CA ILE B 60 11.82 -26.65 0.68
C ILE B 60 10.56 -26.92 -0.14
N ASN B 61 9.55 -26.06 0.02
CA ASN B 61 8.35 -26.14 -0.81
C ASN B 61 8.05 -24.76 -1.39
N TYR B 62 7.30 -24.76 -2.49
CA TYR B 62 7.03 -23.56 -3.28
C TYR B 62 5.55 -23.45 -3.60
N ASN B 63 5.10 -22.21 -3.77
CA ASN B 63 3.81 -21.95 -4.38
C ASN B 63 3.78 -22.58 -5.77
N PRO B 64 2.74 -23.36 -6.11
CA PRO B 64 2.63 -23.91 -7.47
C PRO B 64 2.70 -22.86 -8.57
N SER B 65 2.22 -21.65 -8.30
CA SER B 65 2.26 -20.58 -9.29
C SER B 65 3.67 -20.08 -9.56
N LEU B 66 4.63 -20.42 -8.69
CA LEU B 66 6.01 -20.00 -8.87
C LEU B 66 6.98 -21.16 -9.03
N ARG B 67 6.55 -22.39 -8.71
CA ARG B 67 7.39 -23.56 -8.86
C ARG B 67 7.97 -23.65 -10.26
N GLY B 68 9.26 -23.95 -10.36
CA GLY B 68 9.96 -23.98 -11.62
C GLY B 68 10.55 -22.66 -12.05
N ARG B 69 10.20 -21.56 -11.37
CA ARG B 69 10.75 -20.24 -11.64
C ARG B 69 11.46 -19.64 -10.44
N VAL B 70 11.22 -20.16 -9.22
CA VAL B 70 11.85 -19.71 -7.99
C VAL B 70 12.74 -20.81 -7.45
N THR B 71 13.82 -20.42 -6.79
CA THR B 71 14.56 -21.31 -5.91
C THR B 71 14.86 -20.58 -4.62
N ILE B 72 14.79 -21.32 -3.51
CA ILE B 72 15.11 -20.82 -2.18
C ILE B 72 16.28 -21.65 -1.68
N SER B 73 17.21 -21.00 -0.98
CA SER B 73 18.37 -21.68 -0.45
C SER B 73 18.71 -21.13 0.93
N ILE B 74 19.55 -21.87 1.65
CA ILE B 74 19.97 -21.48 2.98
C ILE B 74 21.49 -21.40 3.00
N ASP B 75 22.01 -20.48 3.80
CA ASP B 75 23.45 -20.34 4.03
C ASP B 75 23.67 -20.26 5.53
N THR B 76 23.97 -21.41 6.15
CA THR B 76 24.13 -21.45 7.60
C THR B 76 25.37 -20.68 8.05
N SER B 77 26.37 -20.56 7.16
CA SER B 77 27.58 -19.82 7.52
C SER B 77 27.27 -18.35 7.76
N LYS B 78 26.34 -17.78 6.99
CA LYS B 78 25.94 -16.39 7.16
C LYS B 78 24.65 -16.24 7.95
N ASN B 79 24.02 -17.34 8.34
CA ASN B 79 22.69 -17.31 8.97
C ASN B 79 21.70 -16.53 8.10
N GLN B 80 21.62 -16.93 6.84
CA GLN B 80 20.78 -16.27 5.86
C GLN B 80 19.96 -17.31 5.11
N PHE B 81 18.82 -16.89 4.58
CA PHE B 81 18.22 -17.63 3.49
C PHE B 81 17.83 -16.67 2.38
N SER B 82 17.72 -17.22 1.19
CA SER B 82 17.72 -16.40 -0.01
C SER B 82 16.65 -16.89 -0.96
N LEU B 83 16.34 -16.04 -1.92
CA LEU B 83 15.32 -16.28 -2.93
C LEU B 83 15.90 -15.88 -4.28
N LYS B 84 15.66 -16.72 -5.29
CA LYS B 84 16.09 -16.44 -6.65
C LYS B 84 14.89 -16.63 -7.57
N LEU B 85 14.45 -15.57 -8.23
CA LEU B 85 13.28 -15.60 -9.10
C LEU B 85 13.72 -15.20 -10.50
N SER B 86 13.56 -16.10 -11.47
CA SER B 86 14.02 -15.83 -12.83
C SER B 86 12.85 -15.37 -13.71
N ALA B 87 13.21 -14.87 -14.89
CA ALA B 87 12.26 -14.43 -15.91
C ALA B 87 11.20 -13.50 -15.35
N VAL B 88 11.64 -12.42 -14.71
CA VAL B 88 10.72 -11.55 -13.99
C VAL B 88 9.96 -10.64 -14.95
N THR B 89 8.70 -10.37 -14.61
CA THR B 89 7.85 -9.44 -15.32
C THR B 89 7.38 -8.37 -14.36
N ALA B 90 6.61 -7.41 -14.89
CA ALA B 90 5.98 -6.38 -14.06
C ALA B 90 5.10 -6.99 -12.97
N ALA B 91 4.60 -8.20 -13.18
CA ALA B 91 3.81 -8.87 -12.15
C ALA B 91 4.63 -9.24 -10.93
N ASP B 92 5.95 -9.23 -11.03
CA ASP B 92 6.83 -9.54 -9.91
C ASP B 92 7.25 -8.30 -9.13
N THR B 93 6.85 -7.11 -9.57
CA THR B 93 7.00 -5.91 -8.76
C THR B 93 6.18 -6.05 -7.48
N ALA B 94 6.84 -5.96 -6.33
CA ALA B 94 6.16 -6.25 -5.07
C ALA B 94 7.08 -5.93 -3.90
N VAL B 95 6.47 -5.79 -2.73
CA VAL B 95 7.23 -5.84 -1.49
C VAL B 95 7.42 -7.30 -1.11
N TYR B 96 8.67 -7.67 -0.83
CA TYR B 96 9.02 -9.05 -0.49
C TYR B 96 9.35 -9.12 0.99
N TYR B 97 8.68 -10.03 1.69
CA TYR B 97 8.84 -10.22 3.12
C TYR B 97 9.45 -11.58 3.41
N CYS B 98 10.33 -11.67 4.40
CA CYS B 98 10.60 -12.95 5.04
C CYS B 98 9.88 -13.00 6.38
N ARG B 99 9.55 -14.23 6.81
CA ARG B 99 8.72 -14.44 7.98
C ARG B 99 9.21 -15.67 8.73
N ARG B 100 9.14 -15.61 10.05
CA ARG B 100 9.49 -16.73 10.92
C ARG B 100 8.25 -17.15 11.70
N ASP B 101 7.84 -18.42 11.54
CA ASP B 101 6.69 -19.01 12.21
C ASP B 101 7.16 -20.08 13.18
N PRO B 102 6.77 -20.03 14.46
CA PRO B 102 6.98 -21.20 15.32
C PRO B 102 6.09 -22.33 14.86
N ILE B 103 6.66 -23.54 14.79
CA ILE B 103 5.86 -24.67 14.29
C ILE B 103 4.83 -25.12 15.32
N SER B 104 4.95 -24.67 16.56
CA SER B 104 4.02 -25.03 17.62
C SER B 104 3.92 -23.88 18.60
N SER B 105 2.71 -23.67 19.13
CA SER B 105 2.54 -22.68 20.19
C SER B 105 3.31 -23.07 21.44
N THR B 106 3.73 -24.34 21.56
CA THR B 106 4.60 -24.72 22.67
C THR B 106 5.91 -23.96 22.63
N ILE B 107 6.36 -23.55 21.44
CA ILE B 107 7.62 -22.80 21.34
C ILE B 107 7.42 -21.36 21.78
N GLU B 108 6.49 -20.64 21.13
CA GLU B 108 6.07 -19.31 21.57
C GLU B 108 4.82 -18.94 20.79
N GLU B 109 4.20 -17.83 21.18
CA GLU B 109 2.89 -17.44 20.67
C GLU B 109 2.95 -16.17 19.84
N PHE B 110 4.03 -15.98 19.09
CA PHE B 110 4.15 -14.87 18.16
C PHE B 110 5.03 -15.31 17.00
N ASP B 111 4.78 -14.73 15.83
CA ASP B 111 5.65 -14.89 14.68
C ASP B 111 6.53 -13.65 14.56
N TYR B 112 7.30 -13.57 13.48
CA TYR B 112 8.03 -12.35 13.19
C TYR B 112 8.06 -12.12 11.68
N TRP B 113 7.71 -10.90 11.27
CA TRP B 113 7.77 -10.49 9.88
C TRP B 113 8.90 -9.47 9.71
N GLY B 114 9.70 -9.63 8.67
CA GLY B 114 10.59 -8.56 8.27
C GLY B 114 9.82 -7.31 7.86
N GLN B 115 10.55 -6.21 7.79
CA GLN B 115 9.92 -4.96 7.34
C GLN B 115 9.58 -4.99 5.86
N GLY B 116 10.16 -5.90 5.11
CA GLY B 116 9.90 -6.03 3.68
C GLY B 116 10.80 -5.12 2.86
N VAL B 117 11.07 -5.55 1.63
CA VAL B 117 11.87 -4.76 0.70
C VAL B 117 11.13 -4.68 -0.64
N LEU B 118 10.99 -3.47 -1.16
CA LEU B 118 10.38 -3.29 -2.48
C LEU B 118 11.33 -3.71 -3.59
N VAL B 119 10.81 -4.45 -4.56
CA VAL B 119 11.52 -4.79 -5.78
C VAL B 119 10.66 -4.33 -6.95
N THR B 120 11.25 -3.59 -7.88
CA THR B 120 10.55 -3.07 -9.04
C THR B 120 11.15 -3.69 -10.29
N VAL B 121 10.30 -4.25 -11.14
CA VAL B 121 10.74 -4.87 -12.40
C VAL B 121 10.41 -3.89 -13.52
N SER B 122 11.45 -3.32 -14.13
CA SER B 122 11.25 -2.32 -15.18
C SER B 122 12.56 -2.07 -15.89
N SER B 123 12.47 -1.60 -17.13
CA SER B 123 13.63 -1.19 -17.89
C SER B 123 14.03 0.25 -17.62
N ALA B 124 13.26 0.96 -16.79
CA ALA B 124 13.49 2.38 -16.59
C ALA B 124 14.77 2.64 -15.78
N SER B 125 15.32 3.83 -15.97
CA SER B 125 16.54 4.25 -15.28
C SER B 125 16.19 4.97 -13.98
N THR B 126 16.98 4.70 -12.94
CA THR B 126 16.77 5.34 -11.64
C THR B 126 17.00 6.84 -11.77
N LYS B 127 16.04 7.62 -11.28
CA LYS B 127 16.04 9.06 -11.51
C LYS B 127 15.26 9.75 -10.41
N GLY B 128 15.82 10.83 -9.86
CA GLY B 128 15.12 11.61 -8.87
C GLY B 128 14.04 12.47 -9.50
N PRO B 129 13.10 12.95 -8.70
CA PRO B 129 11.95 13.68 -9.26
C PRO B 129 12.28 15.13 -9.55
N SER B 130 11.46 15.71 -10.41
CA SER B 130 11.31 17.15 -10.51
C SER B 130 10.15 17.55 -9.61
N VAL B 131 10.33 18.64 -8.86
CA VAL B 131 9.32 19.10 -7.91
C VAL B 131 8.80 20.44 -8.37
N PHE B 132 7.49 20.52 -8.60
CA PHE B 132 6.82 21.73 -9.03
C PHE B 132 5.80 22.18 -7.98
N PRO B 133 5.64 23.48 -7.79
CA PRO B 133 4.65 23.95 -6.81
C PRO B 133 3.24 23.79 -7.34
N LEU B 134 2.32 23.47 -6.43
CA LEU B 134 0.89 23.59 -6.68
C LEU B 134 0.44 24.84 -5.95
N ALA B 135 0.38 25.96 -6.69
CA ALA B 135 0.26 27.28 -6.08
C ALA B 135 -1.20 27.59 -5.73
N PRO B 136 -1.47 28.14 -4.55
CA PRO B 136 -2.87 28.31 -4.10
C PRO B 136 -3.74 29.18 -5.00
N SER B 137 -3.33 30.44 -5.23
CA SER B 137 -4.13 31.41 -5.98
C SER B 137 -5.49 31.63 -5.33
N SER B 144 -12.38 30.87 3.62
CA SER B 144 -12.39 29.61 4.37
C SER B 144 -11.04 28.91 4.28
N THR B 145 -10.94 27.93 3.37
CA THR B 145 -9.77 27.06 3.28
C THR B 145 -9.07 27.24 1.94
N ALA B 146 -7.74 27.24 1.98
CA ALA B 146 -6.90 27.27 0.80
C ALA B 146 -6.12 25.96 0.71
N ALA B 147 -5.67 25.64 -0.50
CA ALA B 147 -4.89 24.43 -0.72
C ALA B 147 -3.62 24.78 -1.48
N LEU B 148 -2.51 24.16 -1.08
CA LEU B 148 -1.24 24.27 -1.78
C LEU B 148 -0.57 22.91 -1.75
N GLY B 149 0.44 22.74 -2.60
CA GLY B 149 1.09 21.44 -2.60
C GLY B 149 2.30 21.40 -3.51
N CYS B 150 2.80 20.18 -3.66
CA CYS B 150 3.95 19.93 -4.51
C CYS B 150 3.62 18.78 -5.43
N LEU B 151 3.95 18.96 -6.71
CA LEU B 151 3.84 17.92 -7.73
C LEU B 151 5.22 17.29 -7.89
N VAL B 152 5.32 16.00 -7.59
CA VAL B 152 6.58 15.27 -7.58
C VAL B 152 6.56 14.37 -8.80
N LYS B 153 7.24 14.79 -9.87
CA LYS B 153 7.00 14.24 -11.19
C LYS B 153 8.24 13.53 -11.74
N ASP B 154 7.99 12.41 -12.43
CA ASP B 154 8.96 11.73 -13.27
C ASP B 154 10.17 11.22 -12.49
N TYR B 155 9.89 10.41 -11.48
CA TYR B 155 10.92 9.73 -10.71
C TYR B 155 10.79 8.23 -10.89
N PHE B 156 11.87 7.51 -10.56
CA PHE B 156 11.88 6.07 -10.64
C PHE B 156 13.01 5.52 -9.80
N PRO B 157 12.80 4.43 -9.04
CA PRO B 157 11.50 3.79 -8.81
C PRO B 157 10.82 4.40 -7.60
N GLU B 158 9.73 3.78 -7.14
CA GLU B 158 9.20 4.09 -5.84
C GLU B 158 10.24 3.71 -4.77
N PRO B 159 10.18 4.33 -3.59
CA PRO B 159 9.23 5.35 -3.15
C PRO B 159 9.85 6.74 -3.01
N VAL B 160 9.00 7.76 -2.86
CA VAL B 160 9.44 9.04 -2.32
C VAL B 160 8.70 9.27 -1.02
N THR B 161 9.31 10.02 -0.12
CA THR B 161 8.62 10.50 1.05
C THR B 161 8.54 12.02 0.97
N VAL B 162 7.43 12.57 1.44
CA VAL B 162 7.22 14.01 1.44
C VAL B 162 6.86 14.43 2.85
N SER B 163 7.63 15.36 3.41
CA SER B 163 7.28 16.01 4.65
C SER B 163 7.06 17.49 4.35
N TRP B 164 6.44 18.18 5.29
CA TRP B 164 6.15 19.60 5.15
C TRP B 164 6.75 20.34 6.33
N ASN B 165 7.52 21.38 6.03
CA ASN B 165 8.21 22.18 7.06
C ASN B 165 9.04 21.29 7.97
N SER B 166 9.81 20.39 7.36
CA SER B 166 10.74 19.51 8.07
C SER B 166 10.03 18.64 9.11
N GLY B 167 8.76 18.29 8.84
CA GLY B 167 8.01 17.45 9.74
C GLY B 167 7.22 18.19 10.81
N SER B 168 7.33 19.51 10.88
CA SER B 168 6.57 20.29 11.84
C SER B 168 5.15 20.56 11.39
N LEU B 169 4.84 20.29 10.12
CA LEU B 169 3.50 20.45 9.56
C LEU B 169 3.04 19.08 9.10
N THR B 170 2.10 18.47 9.83
CA THR B 170 1.60 17.14 9.52
C THR B 170 0.08 17.14 9.43
N SER B 171 -0.57 17.98 10.23
CA SER B 171 -2.02 18.03 10.23
C SER B 171 -2.53 18.65 8.93
N GLY B 172 -3.50 18.01 8.30
CA GLY B 172 -4.05 18.50 7.05
C GLY B 172 -3.21 18.23 5.83
N VAL B 173 -2.18 17.41 5.93
CA VAL B 173 -1.36 17.04 4.78
C VAL B 173 -1.92 15.75 4.17
N HIS B 174 -1.98 15.71 2.84
CA HIS B 174 -2.33 14.49 2.12
C HIS B 174 -1.26 14.25 1.06
N THR B 175 -0.53 13.15 1.20
CA THR B 175 0.42 12.71 0.19
C THR B 175 -0.19 11.52 -0.52
N PHE B 176 -0.43 11.65 -1.80
CA PHE B 176 -1.23 10.66 -2.52
C PHE B 176 -0.37 9.52 -3.02
N PRO B 177 -1.00 8.34 -3.21
CA PRO B 177 -0.31 7.25 -3.90
C PRO B 177 0.18 7.71 -5.27
N ALA B 178 1.38 7.25 -5.62
CA ALA B 178 1.94 7.57 -6.92
C ALA B 178 1.17 6.87 -8.03
N VAL B 179 1.23 7.46 -9.22
CA VAL B 179 0.71 6.85 -10.43
C VAL B 179 1.87 6.53 -11.35
N LEU B 180 1.78 5.42 -12.05
CA LEU B 180 2.81 5.00 -12.99
C LEU B 180 2.39 5.48 -14.37
N GLN B 181 3.21 6.33 -14.98
CA GLN B 181 2.91 6.90 -16.27
C GLN B 181 3.34 5.95 -17.39
N SER B 182 2.82 6.20 -18.60
CA SER B 182 3.18 5.38 -19.75
C SER B 182 4.67 5.44 -20.04
N SER B 183 5.35 6.50 -19.60
CA SER B 183 6.80 6.61 -19.73
C SER B 183 7.56 5.62 -18.86
N GLY B 184 6.88 4.96 -17.92
CA GLY B 184 7.56 4.13 -16.94
C GLY B 184 8.05 4.86 -15.72
N LEU B 185 7.84 6.17 -15.65
CA LEU B 185 8.20 6.95 -14.48
C LEU B 185 6.95 7.23 -13.64
N TYR B 186 7.18 7.51 -12.36
CA TYR B 186 6.11 7.76 -11.41
C TYR B 186 5.89 9.26 -11.23
N SER B 187 4.70 9.61 -10.74
CA SER B 187 4.37 10.98 -10.39
C SER B 187 3.40 10.95 -9.22
N LEU B 188 3.58 11.86 -8.28
CA LEU B 188 2.63 11.97 -7.18
C LEU B 188 2.49 13.43 -6.76
N SER B 189 1.45 13.70 -6.00
CA SER B 189 1.21 15.01 -5.43
C SER B 189 1.10 14.91 -3.93
N SER B 190 1.53 15.96 -3.25
CA SER B 190 1.35 16.13 -1.82
C SER B 190 0.72 17.50 -1.62
N VAL B 191 -0.32 17.56 -0.80
CA VAL B 191 -1.05 18.81 -0.59
C VAL B 191 -1.27 19.05 0.90
N VAL B 192 -1.54 20.29 1.23
CA VAL B 192 -1.97 20.67 2.59
C VAL B 192 -3.05 21.72 2.44
N THR B 193 -4.10 21.59 3.24
CA THR B 193 -5.15 22.59 3.29
C THR B 193 -4.94 23.43 4.55
N VAL B 194 -5.01 24.74 4.37
CA VAL B 194 -4.75 25.68 5.47
C VAL B 194 -5.85 26.72 5.46
N PRO B 195 -6.08 27.40 6.59
CA PRO B 195 -6.97 28.57 6.56
C PRO B 195 -6.44 29.58 5.56
N SER B 196 -7.36 30.20 4.81
CA SER B 196 -6.95 31.23 3.86
C SER B 196 -6.15 32.34 4.54
N SER B 197 -6.46 32.62 5.81
CA SER B 197 -5.71 33.62 6.57
C SER B 197 -4.32 33.16 6.97
N SER B 198 -4.01 31.87 6.82
CA SER B 198 -2.66 31.39 7.09
C SER B 198 -1.70 31.65 5.93
N LEU B 199 -2.22 31.95 4.74
CA LEU B 199 -1.37 32.27 3.60
C LEU B 199 -0.54 33.51 3.90
N GLY B 200 0.78 33.37 3.79
CA GLY B 200 1.68 34.47 4.04
C GLY B 200 2.19 34.60 5.46
N THR B 201 1.56 33.93 6.43
CA THR B 201 2.01 34.08 7.81
C THR B 201 3.27 33.30 8.09
N GLN B 202 3.52 32.23 7.33
CA GLN B 202 4.72 31.42 7.49
C GLN B 202 5.05 30.81 6.13
N THR B 203 6.22 30.20 6.04
CA THR B 203 6.63 29.56 4.79
C THR B 203 6.11 28.14 4.74
N TYR B 204 5.79 27.70 3.52
CA TYR B 204 5.33 26.33 3.27
C TYR B 204 6.36 25.67 2.35
N VAL B 205 7.08 24.69 2.88
CA VAL B 205 8.16 24.05 2.13
C VAL B 205 7.90 22.54 2.13
N CYS B 206 7.89 21.92 0.95
CA CYS B 206 7.82 20.46 0.87
C CYS B 206 9.23 19.90 0.75
N ASN B 207 9.50 18.88 1.55
CA ASN B 207 10.77 18.20 1.61
C ASN B 207 10.57 16.85 0.94
N VAL B 208 11.12 16.70 -0.25
CA VAL B 208 10.95 15.50 -1.07
C VAL B 208 12.21 14.67 -0.99
N ASN B 209 12.06 13.45 -0.48
CA ASN B 209 13.16 12.50 -0.32
C ASN B 209 12.97 11.33 -1.26
N HIS B 210 13.95 11.08 -2.12
CA HIS B 210 13.93 9.93 -3.02
C HIS B 210 15.16 9.07 -2.73
N LYS B 211 15.00 8.12 -1.82
CA LYS B 211 16.13 7.30 -1.39
C LYS B 211 16.78 6.52 -2.53
N PRO B 212 16.06 5.99 -3.54
CA PRO B 212 16.77 5.25 -4.60
C PRO B 212 17.84 6.06 -5.32
N SER B 213 17.61 7.34 -5.56
CA SER B 213 18.62 8.21 -6.14
C SER B 213 19.42 8.96 -5.07
N ASN B 214 19.10 8.74 -3.79
CA ASN B 214 19.79 9.38 -2.68
C ASN B 214 19.67 10.90 -2.75
N THR B 215 18.53 11.39 -3.22
CA THR B 215 18.32 12.81 -3.44
C THR B 215 17.29 13.36 -2.47
N LYS B 216 17.48 14.63 -2.08
CA LYS B 216 16.55 15.37 -1.26
C LYS B 216 16.32 16.72 -1.94
N VAL B 217 15.06 17.08 -2.14
CA VAL B 217 14.70 18.33 -2.80
C VAL B 217 13.70 19.07 -1.93
N ASP B 218 13.98 20.34 -1.65
CA ASP B 218 13.07 21.22 -0.95
C ASP B 218 12.50 22.24 -1.93
N LYS B 219 11.19 22.47 -1.86
CA LYS B 219 10.53 23.47 -2.69
C LYS B 219 9.62 24.31 -1.82
N ARG B 220 9.91 25.61 -1.74
CA ARG B 220 9.01 26.56 -1.11
C ARG B 220 7.84 26.83 -2.05
N VAL B 221 6.62 26.79 -1.53
CA VAL B 221 5.41 26.94 -2.32
C VAL B 221 4.71 28.22 -1.89
N GLU B 222 4.43 29.10 -2.85
CA GLU B 222 3.82 30.38 -2.57
C GLU B 222 2.90 30.77 -3.73
N ILE B 223 2.03 31.72 -3.45
CA ILE B 223 1.15 32.29 -4.46
C ILE B 223 1.98 32.90 -5.59
N ALA C 1 2.33 -16.79 11.22
CA ALA C 1 1.49 -17.80 11.86
C ALA C 1 2.16 -18.38 13.09
N VAL C 2 1.36 -18.98 13.95
CA VAL C 2 1.85 -19.83 15.05
C VAL C 2 1.19 -21.18 14.88
N GLY C 3 2.00 -22.21 14.69
CA GLY C 3 1.49 -23.52 14.34
C GLY C 3 1.56 -23.78 12.85
N ILE C 4 2.40 -24.73 12.46
CA ILE C 4 2.61 -25.10 11.07
C ILE C 4 2.29 -26.58 10.97
N GLY C 5 1.07 -26.91 10.51
CA GLY C 5 0.72 -28.30 10.31
C GLY C 5 1.52 -28.98 9.23
N ALA C 6 2.13 -28.21 8.33
CA ALA C 6 2.81 -28.77 7.18
C ALA C 6 4.05 -29.59 7.55
N VAL C 7 4.63 -29.38 8.73
CA VAL C 7 5.83 -30.12 9.11
C VAL C 7 5.51 -31.37 9.91
N PHE C 8 4.22 -31.63 10.17
CA PHE C 8 3.81 -32.76 11.00
C PHE C 8 3.12 -33.83 10.17
#